data_6YW3
#
_entry.id   6YW3
#
_cell.length_a   76.443
_cell.length_b   81.285
_cell.length_c   43.219
_cell.angle_alpha   90.000
_cell.angle_beta   90.000
_cell.angle_gamma   90.000
#
_symmetry.space_group_name_H-M   'P 21 21 2'
#
loop_
_entity.id
_entity.type
_entity.pdbx_description
1 polymer 'Egl nine homolog 1'
2 polymer 'PHD2-SPECIFIC RaPID CYCLIC PEPTIDE 3C (14-MER)'
3 polymer 'Hypoxia-inducible factor 1-alpha'
4 non-polymer 'MANGANESE (II) ION'
5 non-polymer N-OXALYLGLYCINE
6 non-polymer GLYCEROL
7 non-polymer 'SULFATE ION'
8 water water
#
loop_
_entity_poly.entity_id
_entity_poly.type
_entity_poly.pdbx_seq_one_letter_code
_entity_poly.pdbx_strand_id
1 'polypeptide(L)'
;GSHMASPNGQTKPLPALKLALEYIVPCMNKHGICVVDDFLGKETGQQIGDEVRALHDTGKFTDGQLVSQKSDSSKDIRGD
KITWIEGKEPGCETIGLLMSSMDDLIRHCNGKLGSYKINGRTKAMVACYPGNGTGYVRHVDNPNGDGRCVTCIYYLNKDW
DAKVSGGILRIFPEGKAQFADIEPKFDRLLFFWSDRRNPHEVQPAYATRYAITVWYFDADERARAKVKYLTGE
;
A
2 'polypeptide(L)' (48V)(DTY)VWLTDTWVLSRT B
3 'polypeptide(L)' DLDLEMLAPYIPMDDDFQL S
#
loop_
_chem_comp.id
_chem_comp.type
_chem_comp.name
_chem_comp.formula
48V peptide-like '{[(2R)-2,3-diamino-3-oxopropyl]sulfanyl}acetic acid' 'C5 H10 N2 O3 S'
GOL non-polymer GLYCEROL 'C3 H8 O3'
MN non-polymer 'MANGANESE (II) ION' 'Mn 2'
OGA non-polymer N-OXALYLGLYCINE 'C4 H5 N O5'
SO4 non-polymer 'SULFATE ION' 'O4 S -2'
#
# COMPACT_ATOMS: atom_id res chain seq x y z
N THR A 11 13.79 -10.06 -16.76
CA THR A 11 14.16 -10.97 -17.84
C THR A 11 13.07 -11.97 -18.17
N LYS A 12 12.73 -12.83 -17.20
CA LYS A 12 11.78 -13.92 -17.39
C LYS A 12 10.84 -13.93 -16.19
N PRO A 13 9.90 -13.00 -16.14
CA PRO A 13 9.08 -12.88 -14.93
C PRO A 13 7.97 -13.94 -14.85
N LEU A 14 7.73 -14.41 -13.64
CA LEU A 14 6.66 -15.37 -13.42
C LEU A 14 5.35 -14.82 -13.96
N PRO A 15 4.55 -15.63 -14.65
CA PRO A 15 3.19 -15.20 -15.02
C PRO A 15 2.39 -14.81 -13.78
N ALA A 16 1.48 -13.85 -13.96
CA ALA A 16 0.73 -13.31 -12.81
C ALA A 16 -0.08 -14.40 -12.12
N LEU A 17 -0.71 -15.30 -12.90
CA LEU A 17 -1.54 -16.35 -12.32
C LEU A 17 -0.73 -17.24 -11.40
N LYS A 18 0.43 -17.70 -11.87
CA LYS A 18 1.31 -18.51 -11.03
C LYS A 18 1.82 -17.73 -9.84
N LEU A 19 2.30 -16.50 -10.06
CA LEU A 19 2.72 -15.64 -8.95
C LEU A 19 1.67 -15.58 -7.84
N ALA A 20 0.40 -15.39 -8.22
CA ALA A 20 -0.66 -15.24 -7.24
C ALA A 20 -0.96 -16.57 -6.54
N LEU A 21 -1.17 -17.64 -7.30
CA LEU A 21 -1.67 -18.89 -6.70
C LEU A 21 -0.57 -19.62 -5.93
N GLU A 22 0.67 -19.59 -6.44
CA GLU A 22 1.74 -20.36 -5.86
C GLU A 22 2.64 -19.52 -4.95
N TYR A 23 2.42 -18.22 -4.88
CA TYR A 23 3.22 -17.43 -3.97
C TYR A 23 2.38 -16.51 -3.11
N ILE A 24 1.67 -15.58 -3.74
CA ILE A 24 1.05 -14.52 -2.97
C ILE A 24 0.04 -15.10 -1.98
N VAL A 25 -0.76 -16.07 -2.42
CA VAL A 25 -1.83 -16.61 -1.60
C VAL A 25 -1.21 -17.38 -0.44
N PRO A 26 -0.40 -18.39 -0.71
CA PRO A 26 0.19 -19.13 0.42
C PRO A 26 1.00 -18.23 1.34
N CYS A 27 1.75 -17.27 0.79
CA CYS A 27 2.53 -16.36 1.61
C CYS A 27 1.64 -15.49 2.52
N MET A 28 0.64 -14.84 1.94
CA MET A 28 -0.26 -14.01 2.74
C MET A 28 -0.95 -14.84 3.81
N ASN A 29 -1.39 -16.05 3.48
CA ASN A 29 -2.10 -16.86 4.47
C ASN A 29 -1.16 -17.38 5.55
N LYS A 30 0.14 -17.52 5.26
CA LYS A 30 1.08 -17.97 6.29
C LYS A 30 1.59 -16.81 7.14
N HIS A 31 1.98 -15.70 6.51
CA HIS A 31 2.63 -14.61 7.22
C HIS A 31 1.79 -13.36 7.36
N GLY A 32 0.83 -13.14 6.46
CA GLY A 32 0.10 -11.89 6.43
C GLY A 32 0.84 -10.74 5.82
N ILE A 33 2.00 -11.02 5.22
CA ILE A 33 2.87 -10.06 4.55
C ILE A 33 3.41 -10.77 3.34
N CYS A 34 3.59 -10.05 2.24
CA CYS A 34 4.10 -10.67 1.02
C CYS A 34 4.81 -9.63 0.18
N VAL A 35 6.06 -9.90 -0.17
CA VAL A 35 6.87 -8.99 -0.97
C VAL A 35 7.20 -9.66 -2.30
N VAL A 36 6.90 -8.98 -3.40
CA VAL A 36 7.30 -9.40 -4.73
C VAL A 36 8.31 -8.38 -5.25
N ASP A 37 9.57 -8.78 -5.40
CA ASP A 37 10.54 -7.89 -6.05
C ASP A 37 10.48 -8.00 -7.56
N ASP A 38 10.85 -6.91 -8.25
CA ASP A 38 10.93 -6.91 -9.72
C ASP A 38 9.56 -7.22 -10.33
N PHE A 39 8.56 -6.48 -9.84
CA PHE A 39 7.17 -6.78 -10.19
C PHE A 39 6.89 -6.46 -11.66
N LEU A 40 7.33 -5.29 -12.12
CA LEU A 40 7.03 -4.88 -13.49
C LEU A 40 8.24 -4.64 -14.37
N GLY A 41 9.45 -4.66 -13.83
CA GLY A 41 10.64 -4.47 -14.63
C GLY A 41 11.07 -3.02 -14.66
N LYS A 42 12.34 -2.83 -15.06
CA LYS A 42 12.98 -1.53 -14.96
C LYS A 42 12.33 -0.48 -15.85
N GLU A 43 11.99 -0.85 -17.08
CA GLU A 43 11.43 0.13 -18.01
C GLU A 43 10.11 0.69 -17.50
N THR A 44 9.17 -0.20 -17.20
CA THR A 44 7.87 0.22 -16.67
C THR A 44 8.02 0.93 -15.33
N GLY A 45 8.90 0.42 -14.46
CA GLY A 45 9.08 1.05 -13.18
C GLY A 45 9.61 2.46 -13.31
N GLN A 46 10.55 2.67 -14.25
CA GLN A 46 11.07 4.01 -14.46
C GLN A 46 10.02 4.94 -15.02
N GLN A 47 9.19 4.46 -15.94
CA GLN A 47 8.06 5.27 -16.40
C GLN A 47 7.17 5.71 -15.23
N ILE A 48 6.89 4.78 -14.32
CA ILE A 48 6.08 5.11 -13.15
C ILE A 48 6.78 6.18 -12.30
N GLY A 49 8.08 6.03 -12.12
CA GLY A 49 8.85 7.05 -11.43
C GLY A 49 8.73 8.40 -12.10
N ASP A 50 8.83 8.43 -13.43
CA ASP A 50 8.68 9.70 -14.15
C ASP A 50 7.31 10.34 -13.91
N GLU A 51 6.25 9.53 -13.94
CA GLU A 51 4.91 10.12 -13.75
C GLU A 51 4.74 10.63 -12.33
N VAL A 52 5.30 9.92 -11.36
CA VAL A 52 5.22 10.37 -9.97
C VAL A 52 5.99 11.67 -9.80
N ARG A 53 7.17 11.76 -10.42
CA ARG A 53 7.96 12.97 -10.29
C ARG A 53 7.29 14.14 -10.99
N ALA A 54 6.59 13.88 -12.10
CA ALA A 54 5.86 14.95 -12.76
C ALA A 54 4.72 15.47 -11.88
N LEU A 55 3.96 14.57 -11.26
CA LEU A 55 2.91 14.99 -10.34
C LEU A 55 3.48 15.78 -9.17
N HIS A 56 4.59 15.30 -8.61
CA HIS A 56 5.22 15.98 -7.48
C HIS A 56 5.73 17.36 -7.89
N ASP A 57 6.35 17.47 -9.07
CA ASP A 57 6.96 18.72 -9.51
C ASP A 57 5.93 19.79 -9.79
N THR A 58 4.69 19.41 -10.10
CA THR A 58 3.63 20.36 -10.38
C THR A 58 2.91 20.84 -9.13
N GLY A 59 3.45 20.57 -7.94
CA GLY A 59 2.82 21.04 -6.72
C GLY A 59 1.47 20.44 -6.42
N LYS A 60 1.22 19.20 -6.88
CA LYS A 60 -0.11 18.61 -6.76
C LYS A 60 -0.32 17.86 -5.47
N PHE A 61 0.71 17.72 -4.64
CA PHE A 61 0.59 16.89 -3.44
C PHE A 61 0.05 17.72 -2.27
N THR A 62 -0.73 17.05 -1.42
CA THR A 62 -1.34 17.64 -0.23
C THR A 62 -0.91 16.84 1.00
N ASP A 63 -1.02 17.47 2.17
CA ASP A 63 -0.61 16.79 3.41
C ASP A 63 -1.45 15.54 3.65
N GLY A 64 -0.80 14.45 4.04
CA GLY A 64 -1.55 13.24 4.38
C GLY A 64 -2.48 13.49 5.56
N GLN A 65 -3.70 12.97 5.44
CA GLN A 65 -4.74 13.15 6.44
C GLN A 65 -5.03 11.86 7.18
N LEU A 66 -5.63 12.01 8.35
CA LEU A 66 -5.99 10.88 9.20
C LEU A 66 -7.49 10.65 9.15
N VAL A 67 -7.90 9.43 9.48
CA VAL A 67 -9.32 9.07 9.47
C VAL A 67 -10.13 10.01 10.37
N SER A 68 -9.80 10.05 11.66
CA SER A 68 -10.46 10.95 12.61
C SER A 68 -9.43 11.96 13.08
N GLN A 69 -9.61 13.23 12.68
CA GLN A 69 -8.67 14.31 12.98
C GLN A 69 -8.77 14.66 14.46
N LYS A 70 -7.90 14.06 15.27
CA LYS A 70 -7.86 14.28 16.72
C LYS A 70 -6.53 14.83 17.21
N SER A 71 -5.58 15.08 16.32
CA SER A 71 -4.27 15.61 16.70
C SER A 71 -4.23 17.12 16.47
N ASP A 72 -3.33 17.80 17.20
CA ASP A 72 -3.09 19.21 16.96
C ASP A 72 -2.78 19.48 15.48
N SER A 73 -1.75 18.84 14.96
CA SER A 73 -1.41 18.86 13.55
C SER A 73 -1.37 17.43 13.02
N SER A 74 -1.83 17.26 11.78
CA SER A 74 -1.67 15.96 11.11
C SER A 74 -0.20 15.63 10.85
N LYS A 75 0.67 16.64 10.77
CA LYS A 75 2.10 16.43 10.53
C LYS A 75 2.81 15.83 11.74
N ASP A 76 2.16 15.81 12.91
CA ASP A 76 2.73 15.08 14.05
C ASP A 76 2.74 13.57 13.80
N ILE A 77 1.77 13.07 13.06
CA ILE A 77 1.59 11.63 12.88
C ILE A 77 2.26 11.20 11.58
N ARG A 78 1.82 11.77 10.46
CA ARG A 78 2.36 11.44 9.15
C ARG A 78 2.93 12.68 8.49
N GLY A 79 4.14 12.58 7.96
CA GLY A 79 4.75 13.73 7.33
C GLY A 79 4.86 13.62 5.83
N ASP A 80 4.00 12.82 5.21
CA ASP A 80 4.03 12.67 3.77
C ASP A 80 3.04 13.61 3.12
N LYS A 81 3.33 13.97 1.87
CA LYS A 81 2.42 14.71 0.99
C LYS A 81 1.93 13.77 -0.11
N ILE A 82 0.65 13.87 -0.48
CA ILE A 82 0.06 12.85 -1.33
C ILE A 82 -0.91 13.45 -2.33
N THR A 83 -1.26 12.62 -3.31
CA THR A 83 -2.37 12.90 -4.21
C THR A 83 -3.08 11.59 -4.54
N TRP A 84 -4.36 11.69 -4.93
CA TRP A 84 -5.18 10.52 -5.23
C TRP A 84 -5.34 10.41 -6.74
N ILE A 85 -4.90 9.28 -7.31
CA ILE A 85 -4.87 9.06 -8.75
C ILE A 85 -5.90 8.00 -9.10
N GLU A 86 -6.80 8.36 -10.02
CA GLU A 86 -7.83 7.43 -10.49
C GLU A 86 -7.25 6.42 -11.47
N GLY A 87 -6.24 6.81 -12.24
CA GLY A 87 -5.59 5.93 -13.19
C GLY A 87 -5.84 6.26 -14.65
N LYS A 88 -6.82 7.13 -14.95
CA LYS A 88 -7.10 7.51 -16.33
C LYS A 88 -6.66 8.92 -16.67
N GLU A 89 -6.05 9.63 -15.74
CA GLU A 89 -5.65 11.00 -15.97
C GLU A 89 -4.54 11.08 -17.01
N PRO A 90 -4.38 12.24 -17.64
CA PRO A 90 -3.34 12.37 -18.67
C PRO A 90 -1.95 12.45 -18.05
N GLY A 91 -1.00 11.75 -18.67
CA GLY A 91 0.30 11.61 -18.06
C GLY A 91 0.35 10.67 -16.88
N CYS A 92 -0.75 9.94 -16.59
CA CYS A 92 -0.75 8.93 -15.52
C CYS A 92 -1.05 7.54 -16.06
N GLU A 93 -0.68 7.28 -17.32
CA GLU A 93 -1.06 6.03 -17.95
C GLU A 93 -0.35 4.84 -17.30
N THR A 94 0.94 5.00 -16.99
CA THR A 94 1.69 3.91 -16.41
C THR A 94 1.26 3.63 -14.97
N ILE A 95 0.77 4.66 -14.27
CA ILE A 95 0.17 4.40 -12.96
C ILE A 95 -1.11 3.60 -13.11
N GLY A 96 -1.91 3.91 -14.14
CA GLY A 96 -3.09 3.10 -14.41
C GLY A 96 -2.72 1.67 -14.76
N LEU A 97 -1.61 1.48 -15.49
CA LEU A 97 -1.12 0.13 -15.77
C LEU A 97 -0.71 -0.60 -14.48
N LEU A 98 0.00 0.09 -13.58
CA LEU A 98 0.33 -0.51 -12.29
C LEU A 98 -0.94 -0.97 -11.56
N MET A 99 -1.96 -0.10 -11.52
CA MET A 99 -3.18 -0.41 -10.77
C MET A 99 -3.94 -1.57 -11.39
N SER A 100 -3.96 -1.63 -12.73
CA SER A 100 -4.60 -2.76 -13.39
C SER A 100 -3.83 -4.06 -13.15
N SER A 101 -2.50 -4.00 -13.08
CA SER A 101 -1.72 -5.20 -12.75
C SER A 101 -2.00 -5.67 -11.33
N MET A 102 -2.06 -4.73 -10.38
N MET A 102 -2.07 -4.74 -10.38
CA MET A 102 -2.43 -5.10 -9.02
CA MET A 102 -2.43 -5.11 -9.01
C MET A 102 -3.80 -5.77 -8.98
C MET A 102 -3.79 -5.77 -8.98
N ASP A 103 -4.77 -5.18 -9.68
CA ASP A 103 -6.11 -5.74 -9.75
C ASP A 103 -6.09 -7.13 -10.37
N ASP A 104 -5.24 -7.34 -11.39
CA ASP A 104 -5.16 -8.66 -12.00
C ASP A 104 -4.65 -9.69 -11.01
N LEU A 105 -3.63 -9.35 -10.20
CA LEU A 105 -3.17 -10.28 -9.17
C LEU A 105 -4.31 -10.60 -8.18
N ILE A 106 -5.01 -9.56 -7.72
CA ILE A 106 -6.09 -9.78 -6.76
C ILE A 106 -7.18 -10.65 -7.36
N ARG A 107 -7.50 -10.44 -8.63
CA ARG A 107 -8.47 -11.28 -9.34
C ARG A 107 -8.00 -12.73 -9.37
N HIS A 108 -6.72 -12.95 -9.72
CA HIS A 108 -6.18 -14.31 -9.79
C HIS A 108 -6.28 -15.01 -8.44
N CYS A 109 -6.20 -14.25 -7.35
CA CYS A 109 -6.27 -14.87 -6.03
C CYS A 109 -7.66 -15.47 -5.74
N ASN A 110 -8.69 -15.06 -6.48
CA ASN A 110 -9.97 -15.79 -6.54
C ASN A 110 -10.53 -16.10 -5.15
N GLY A 111 -10.55 -15.07 -4.29
CA GLY A 111 -11.15 -15.24 -2.99
C GLY A 111 -10.43 -16.21 -2.09
N LYS A 112 -9.14 -16.40 -2.31
CA LYS A 112 -8.34 -17.28 -1.47
C LYS A 112 -7.48 -16.50 -0.47
N LEU A 113 -7.70 -15.19 -0.35
CA LEU A 113 -7.01 -14.37 0.65
C LEU A 113 -7.88 -14.40 1.91
N GLY A 114 -7.52 -15.27 2.85
CA GLY A 114 -8.39 -15.52 3.98
C GLY A 114 -9.77 -15.88 3.49
N SER A 115 -10.80 -15.38 4.20
CA SER A 115 -12.19 -15.52 3.77
C SER A 115 -12.74 -14.22 3.17
N TYR A 116 -11.87 -13.33 2.70
CA TYR A 116 -12.32 -12.05 2.18
C TYR A 116 -12.93 -12.19 0.79
N LYS A 117 -13.95 -11.37 0.51
CA LYS A 117 -14.57 -11.26 -0.82
C LYS A 117 -14.25 -9.86 -1.33
N ILE A 118 -13.24 -9.77 -2.18
CA ILE A 118 -12.70 -8.47 -2.58
C ILE A 118 -13.43 -8.05 -3.84
N ASN A 119 -14.24 -6.99 -3.74
CA ASN A 119 -14.99 -6.48 -4.88
C ASN A 119 -14.58 -5.08 -5.32
N GLY A 120 -13.71 -4.40 -4.57
CA GLY A 120 -13.39 -3.03 -4.91
C GLY A 120 -12.14 -2.57 -4.21
N ARG A 121 -11.73 -1.34 -4.51
CA ARG A 121 -10.57 -0.77 -3.86
C ARG A 121 -10.65 0.75 -3.91
N THR A 122 -9.69 1.39 -3.24
CA THR A 122 -9.59 2.84 -3.29
C THR A 122 -8.88 3.27 -4.57
N LYS A 123 -8.90 4.56 -4.84
CA LYS A 123 -7.97 5.12 -5.80
C LYS A 123 -6.53 4.91 -5.32
N ALA A 124 -5.57 5.21 -6.18
CA ALA A 124 -4.17 5.09 -5.80
C ALA A 124 -3.78 6.31 -4.97
N MET A 125 -3.10 6.08 -3.84
CA MET A 125 -2.51 7.17 -3.06
C MET A 125 -1.03 7.27 -3.41
N VAL A 126 -0.63 8.34 -4.11
CA VAL A 126 0.77 8.59 -4.41
C VAL A 126 1.35 9.42 -3.27
N ALA A 127 2.32 8.86 -2.54
CA ALA A 127 2.83 9.47 -1.33
C ALA A 127 4.31 9.79 -1.47
N CYS A 128 4.69 10.95 -0.95
CA CYS A 128 6.08 11.36 -0.90
C CYS A 128 6.43 11.81 0.51
N TYR A 129 7.42 11.15 1.11
CA TYR A 129 8.06 11.64 2.32
C TYR A 129 9.26 12.46 1.89
N PRO A 130 9.23 13.77 2.02
CA PRO A 130 10.33 14.62 1.50
C PRO A 130 11.51 14.74 2.44
N GLY A 131 12.01 13.60 2.92
CA GLY A 131 13.16 13.62 3.81
C GLY A 131 12.92 14.47 5.04
N ASN A 132 14.03 15.04 5.53
CA ASN A 132 13.99 15.91 6.70
C ASN A 132 13.43 15.21 7.93
N GLY A 133 13.60 13.89 7.98
CA GLY A 133 13.16 13.14 9.12
C GLY A 133 11.67 12.87 9.16
N THR A 134 10.97 13.06 8.05
CA THR A 134 9.54 12.77 8.01
C THR A 134 9.32 11.27 7.98
N GLY A 135 8.27 10.81 8.67
CA GLY A 135 7.84 9.43 8.60
C GLY A 135 6.37 9.31 8.96
N TYR A 136 5.97 8.09 9.34
CA TYR A 136 4.61 7.80 9.76
C TYR A 136 4.69 6.98 11.04
N VAL A 137 4.15 7.52 12.14
CA VAL A 137 4.25 6.81 13.41
C VAL A 137 3.47 5.50 13.34
N ARG A 138 3.80 4.59 14.25
CA ARG A 138 3.21 3.25 14.26
C ARG A 138 1.70 3.30 14.32
N HIS A 139 1.05 2.55 13.42
CA HIS A 139 -0.39 2.65 13.28
C HIS A 139 -0.94 1.39 12.63
N VAL A 140 -2.27 1.33 12.57
CA VAL A 140 -3.01 0.29 11.87
C VAL A 140 -3.84 0.96 10.78
N ASP A 141 -3.82 0.37 9.58
CA ASP A 141 -4.49 1.02 8.45
C ASP A 141 -6.02 1.02 8.65
N ASN A 142 -6.58 -0.09 9.14
CA ASN A 142 -8.03 -0.25 9.27
C ASN A 142 -8.31 -0.75 10.68
N PRO A 143 -8.25 0.15 11.67
CA PRO A 143 -8.45 -0.30 13.06
C PRO A 143 -9.89 -0.62 13.42
N ASN A 144 -10.87 0.03 12.80
CA ASN A 144 -12.27 -0.12 13.22
C ASN A 144 -13.19 -0.30 12.00
N GLY A 145 -12.95 -1.38 11.25
CA GLY A 145 -13.87 -1.88 10.24
C GLY A 145 -14.39 -0.86 9.25
N ASP A 146 -13.50 -0.15 8.59
CA ASP A 146 -13.90 0.73 7.49
C ASP A 146 -13.88 0.03 6.14
N GLY A 147 -13.57 -1.27 6.11
CA GLY A 147 -13.69 -2.07 4.90
C GLY A 147 -12.39 -2.53 4.28
N ARG A 148 -11.26 -1.96 4.69
CA ARG A 148 -9.99 -2.28 4.06
C ARG A 148 -9.48 -3.61 4.61
N CYS A 149 -9.23 -4.56 3.71
CA CYS A 149 -8.71 -5.87 4.12
C CYS A 149 -7.27 -6.10 3.71
N VAL A 150 -6.84 -5.59 2.55
CA VAL A 150 -5.47 -5.80 2.09
C VAL A 150 -4.89 -4.47 1.64
N THR A 151 -3.69 -4.17 2.13
CA THR A 151 -2.90 -3.03 1.71
C THR A 151 -1.90 -3.50 0.67
N CYS A 152 -1.76 -2.74 -0.41
CA CYS A 152 -0.91 -3.06 -1.55
C CYS A 152 -0.08 -1.82 -1.88
N ILE A 153 1.25 -1.91 -1.76
CA ILE A 153 2.14 -0.76 -1.89
C ILE A 153 3.21 -1.05 -2.94
N TYR A 154 3.48 -0.09 -3.83
CA TYR A 154 4.53 -0.25 -4.85
C TYR A 154 5.58 0.84 -4.65
N TYR A 155 6.83 0.42 -4.42
CA TYR A 155 7.88 1.38 -4.12
C TYR A 155 8.67 1.71 -5.37
N LEU A 156 9.37 2.85 -5.31
CA LEU A 156 9.94 3.43 -6.52
C LEU A 156 11.36 3.96 -6.36
N ASN A 157 12.05 3.62 -5.28
CA ASN A 157 13.28 4.33 -4.89
C ASN A 157 14.48 3.46 -5.24
N LYS A 158 15.12 3.82 -6.35
CA LYS A 158 16.26 3.09 -6.87
C LYS A 158 17.50 3.34 -6.01
N ASP A 159 18.18 2.24 -5.66
CA ASP A 159 19.42 2.29 -4.90
C ASP A 159 19.22 2.99 -3.57
N TRP A 160 18.12 2.65 -2.91
CA TRP A 160 17.82 3.26 -1.63
C TRP A 160 18.61 2.55 -0.55
N ASP A 161 19.40 3.32 0.20
CA ASP A 161 20.26 2.81 1.27
C ASP A 161 19.68 3.27 2.60
N ALA A 162 18.97 2.37 3.29
CA ALA A 162 18.34 2.72 4.56
C ALA A 162 19.35 3.14 5.63
N LYS A 163 20.56 2.56 5.62
CA LYS A 163 21.57 2.95 6.58
C LYS A 163 21.94 4.42 6.49
N VAL A 164 21.57 5.10 5.39
CA VAL A 164 21.87 6.51 5.17
C VAL A 164 20.60 7.36 5.08
N SER A 165 19.53 6.81 4.51
CA SER A 165 18.32 7.58 4.27
C SER A 165 17.16 7.17 5.15
N GLY A 166 17.31 6.16 6.00
CA GLY A 166 16.17 5.72 6.79
C GLY A 166 15.04 5.25 5.90
N GLY A 167 13.81 5.53 6.30
CA GLY A 167 12.67 5.27 5.43
C GLY A 167 12.16 3.86 5.42
N ILE A 168 12.59 3.04 6.36
CA ILE A 168 12.23 1.62 6.37
C ILE A 168 10.80 1.46 6.86
N LEU A 169 10.04 0.57 6.23
CA LEU A 169 8.71 0.23 6.71
C LEU A 169 8.83 -0.93 7.69
N ARG A 170 8.58 -0.68 8.97
CA ARG A 170 8.65 -1.75 9.97
C ARG A 170 7.24 -2.22 10.28
N ILE A 171 6.95 -3.51 10.01
CA ILE A 171 5.67 -4.14 10.30
C ILE A 171 5.84 -4.96 11.58
N PHE A 172 4.81 -5.00 12.44
CA PHE A 172 4.83 -5.74 13.71
C PHE A 172 3.71 -6.78 13.71
N PRO A 173 3.85 -7.88 12.96
CA PRO A 173 2.72 -8.80 12.81
C PRO A 173 2.37 -9.50 14.13
N GLU A 174 1.08 -9.55 14.44
CA GLU A 174 0.63 -10.25 15.63
C GLU A 174 1.00 -11.73 15.56
N GLY A 175 1.49 -12.27 16.67
CA GLY A 175 1.85 -13.67 16.71
C GLY A 175 3.18 -14.00 16.11
N LYS A 176 4.02 -13.01 15.81
CA LYS A 176 5.36 -13.22 15.33
C LYS A 176 6.37 -12.77 16.39
N ALA A 177 7.47 -13.52 16.52
CA ALA A 177 8.50 -13.14 17.48
C ALA A 177 9.19 -11.84 17.07
N GLN A 178 9.51 -11.70 15.79
CA GLN A 178 10.28 -10.57 15.29
C GLN A 178 9.40 -9.66 14.45
N PHE A 179 9.79 -8.37 14.38
CA PHE A 179 9.21 -7.45 13.43
C PHE A 179 9.85 -7.65 12.07
N ALA A 180 9.25 -7.05 11.05
CA ALA A 180 9.64 -7.26 9.67
C ALA A 180 10.01 -5.91 9.07
N ASP A 181 11.24 -5.78 8.59
CA ASP A 181 11.73 -4.53 8.01
C ASP A 181 11.64 -4.62 6.49
N ILE A 182 10.93 -3.68 5.89
CA ILE A 182 10.75 -3.64 4.45
C ILE A 182 11.50 -2.43 3.92
N GLU A 183 12.54 -2.65 3.13
CA GLU A 183 13.16 -1.52 2.46
C GLU A 183 12.28 -1.08 1.29
N PRO A 184 12.13 0.26 1.07
CA PRO A 184 11.30 0.76 -0.05
C PRO A 184 12.01 0.72 -1.39
N LYS A 185 12.29 -0.50 -1.87
CA LYS A 185 13.09 -0.71 -3.06
C LYS A 185 12.30 -0.40 -4.33
N PHE A 186 13.00 0.10 -5.35
CA PHE A 186 12.43 0.27 -6.68
C PHE A 186 11.90 -1.05 -7.23
N ASP A 187 10.66 -1.02 -7.73
CA ASP A 187 10.00 -2.14 -8.41
C ASP A 187 9.60 -3.24 -7.41
N ARG A 188 9.47 -2.88 -6.13
CA ARG A 188 8.99 -3.81 -5.11
C ARG A 188 7.50 -3.61 -4.88
N LEU A 189 6.77 -4.73 -4.82
CA LEU A 189 5.36 -4.76 -4.46
C LEU A 189 5.17 -5.44 -3.12
N LEU A 190 4.32 -4.86 -2.29
CA LEU A 190 4.10 -5.33 -0.94
C LEU A 190 2.61 -5.47 -0.71
N PHE A 191 2.22 -6.57 -0.08
CA PHE A 191 0.86 -6.83 0.36
C PHE A 191 0.91 -7.09 1.86
N PHE A 192 -0.09 -6.62 2.59
CA PHE A 192 -0.27 -7.08 3.97
C PHE A 192 -1.69 -6.80 4.42
N TRP A 193 -2.15 -7.58 5.39
CA TRP A 193 -3.48 -7.35 5.95
C TRP A 193 -3.56 -5.97 6.58
N SER A 194 -4.64 -5.26 6.28
CA SER A 194 -4.79 -3.88 6.73
C SER A 194 -5.24 -3.75 8.17
N ASP A 195 -5.70 -4.83 8.79
CA ASP A 195 -6.36 -4.74 10.08
C ASP A 195 -5.31 -4.79 11.20
N ARG A 196 -5.77 -5.05 12.44
CA ARG A 196 -4.93 -4.92 13.63
C ARG A 196 -3.80 -5.95 13.68
N ARG A 197 -3.83 -6.97 12.82
CA ARG A 197 -2.75 -7.94 12.82
C ARG A 197 -1.42 -7.30 12.40
N ASN A 198 -1.45 -6.17 11.69
CA ASN A 198 -0.24 -5.57 11.14
C ASN A 198 -0.11 -4.08 11.49
N PRO A 199 0.07 -3.75 12.77
CA PRO A 199 0.58 -2.41 13.08
C PRO A 199 1.89 -2.18 12.33
N HIS A 200 2.17 -0.93 11.97
CA HIS A 200 3.34 -0.69 11.14
C HIS A 200 3.69 0.79 11.18
N GLU A 201 4.95 1.09 10.87
CA GLU A 201 5.43 2.45 10.91
C GLU A 201 6.44 2.68 9.80
N VAL A 202 6.44 3.89 9.28
CA VAL A 202 7.49 4.36 8.38
C VAL A 202 8.51 5.10 9.23
N GLN A 203 9.73 4.54 9.33
CA GLN A 203 10.78 5.20 10.09
C GLN A 203 11.24 6.47 9.37
N PRO A 204 11.73 7.46 10.11
CA PRO A 204 12.06 8.75 9.48
C PRO A 204 12.94 8.58 8.25
N ALA A 205 12.53 9.23 7.16
CA ALA A 205 13.28 9.29 5.92
C ALA A 205 14.13 10.55 5.85
N TYR A 206 15.35 10.40 5.34
CA TYR A 206 16.27 11.52 5.16
C TYR A 206 16.64 11.70 3.70
N ALA A 207 15.83 11.14 2.83
CA ALA A 207 15.87 11.40 1.40
C ALA A 207 14.45 11.31 0.89
N THR A 208 14.21 11.85 -0.30
CA THR A 208 12.88 11.82 -0.89
C THR A 208 12.44 10.38 -1.15
N ARG A 209 11.36 9.95 -0.51
CA ARG A 209 10.91 8.56 -0.59
C ARG A 209 9.50 8.50 -1.19
N TYR A 210 9.36 7.74 -2.28
CA TYR A 210 8.13 7.69 -3.06
C TYR A 210 7.51 6.30 -2.98
N ALA A 211 6.18 6.27 -2.86
CA ALA A 211 5.46 5.00 -2.85
C ALA A 211 4.04 5.22 -3.35
N ILE A 212 3.44 4.17 -3.91
CA ILE A 212 2.08 4.22 -4.39
C ILE A 212 1.29 3.13 -3.68
N THR A 213 0.25 3.52 -2.96
CA THR A 213 -0.54 2.57 -2.18
C THR A 213 -1.95 2.41 -2.75
N VAL A 214 -2.49 1.19 -2.67
CA VAL A 214 -3.89 0.92 -2.95
C VAL A 214 -4.43 0.06 -1.82
N TRP A 215 -5.68 0.31 -1.42
CA TRP A 215 -6.36 -0.50 -0.39
C TRP A 215 -7.51 -1.27 -1.02
N TYR A 216 -7.51 -2.59 -0.86
CA TYR A 216 -8.61 -3.43 -1.36
C TYR A 216 -9.64 -3.61 -0.27
N PHE A 217 -10.92 -3.68 -0.67
CA PHE A 217 -12.05 -3.69 0.24
C PHE A 217 -12.66 -5.07 0.34
N ASP A 218 -13.00 -5.50 1.56
CA ASP A 218 -13.89 -6.64 1.74
C ASP A 218 -15.33 -6.18 1.55
N ALA A 219 -16.06 -6.81 0.65
CA ALA A 219 -17.38 -6.30 0.24
C ALA A 219 -18.30 -6.07 1.44
N ASP A 220 -18.40 -7.05 2.34
CA ASP A 220 -19.41 -6.98 3.40
C ASP A 220 -19.05 -5.91 4.43
N GLU A 221 -17.79 -5.89 4.87
CA GLU A 221 -17.35 -4.87 5.82
C GLU A 221 -17.46 -3.47 5.20
N ARG A 222 -17.08 -3.34 3.92
CA ARG A 222 -17.15 -2.04 3.26
C ARG A 222 -18.59 -1.59 3.10
N ALA A 223 -19.50 -2.51 2.79
CA ALA A 223 -20.93 -2.19 2.75
C ALA A 223 -21.40 -1.63 4.09
N ARG A 224 -21.01 -2.28 5.19
CA ARG A 224 -21.43 -1.79 6.50
C ARG A 224 -20.76 -0.47 6.86
N ALA A 225 -19.60 -0.16 6.27
CA ALA A 225 -18.97 1.10 6.59
C ALA A 225 -19.75 2.30 6.04
N LYS A 226 -20.49 2.11 4.94
CA LYS A 226 -21.10 3.23 4.22
C LYS A 226 -22.55 3.38 4.63
N VAL A 227 -22.76 4.11 5.71
CA VAL A 227 -24.08 4.19 6.34
C VAL A 227 -24.44 5.65 6.54
N LYS A 228 -25.67 6.02 6.17
CA LYS A 228 -26.17 7.38 6.36
C LYS A 228 -27.32 7.35 7.36
N TYR A 229 -27.19 8.13 8.43
CA TYR A 229 -28.24 8.24 9.43
C TYR A 229 -29.12 9.44 9.09
N LEU A 230 -30.32 9.17 8.56
CA LEU A 230 -31.29 10.24 8.31
C LEU A 230 -31.86 10.83 9.59
N THR A 231 -31.70 10.14 10.72
CA THR A 231 -32.00 10.73 12.02
C THR A 231 -30.85 11.68 12.35
N GLY A 232 -30.82 12.22 13.57
CA GLY A 232 -29.67 13.02 13.97
C GLY A 232 -28.41 12.19 14.21
N GLU A 233 -28.56 10.95 14.67
CA GLU A 233 -27.44 10.15 15.08
C GLU A 233 -26.63 9.72 13.88
O10 48V B 1 14.77 -20.13 -9.14
N01 48V B 1 13.83 -13.74 -10.44
C02 48V B 1 14.98 -14.50 -9.94
C03 48V B 1 16.19 -13.64 -10.29
O04 48V B 1 16.24 -12.52 -9.89
N05 48V B 1 17.22 -14.22 -11.11
C06 48V B 1 14.96 -15.90 -10.58
S07 48V B 1 16.34 -16.85 -9.91
C08 48V B 1 15.72 -17.91 -8.56
C09 48V B 1 14.59 -18.90 -8.88
H4 48V B 1 15.01 -14.68 -8.99
H5 48V B 1 17.15 -15.04 -11.39
H6 48V B 1 17.91 -13.76 -11.34
H7 48V B 1 15.03 -15.82 -11.54
H8 48V B 1 14.12 -16.34 -10.37
H9 48V B 1 15.41 -17.32 -7.86
H10 48V B 1 16.48 -18.42 -8.22
N DTY B 2 13.49 -18.10 -8.45
CA DTY B 2 12.40 -19.02 -8.77
C DTY B 2 12.05 -19.89 -7.58
O DTY B 2 11.08 -20.65 -7.62
CB DTY B 2 11.14 -18.27 -9.18
CG DTY B 2 11.11 -17.89 -10.63
CD1 DTY B 2 11.06 -16.55 -11.03
CD2 DTY B 2 11.09 -18.87 -11.61
CE1 DTY B 2 11.01 -16.21 -12.37
CE2 DTY B 2 11.04 -18.55 -12.93
CZ DTY B 2 11.00 -17.23 -13.32
OH DTY B 2 10.95 -16.94 -14.67
HA DTY B 2 12.69 -19.58 -9.50
HB2 DTY B 2 11.09 -17.45 -8.66
HB3 DTY B 2 10.38 -18.83 -8.99
HD1 DTY B 2 11.07 -15.87 -10.39
HD2 DTY B 2 11.12 -19.76 -11.36
HE1 DTY B 2 11.00 -15.32 -12.63
HE2 DTY B 2 11.03 -19.23 -13.57
N VAL B 3 12.82 -19.79 -6.51
CA VAL B 3 12.57 -20.67 -5.38
C VAL B 3 12.20 -19.91 -4.11
N TRP B 4 11.24 -20.42 -3.35
CA TRP B 4 10.68 -19.69 -2.22
C TRP B 4 10.93 -20.49 -0.94
N LEU B 5 11.76 -19.95 -0.05
CA LEU B 5 11.87 -20.47 1.31
C LEU B 5 10.65 -19.98 2.08
N THR B 6 9.73 -20.90 2.39
CA THR B 6 8.41 -20.47 2.84
C THR B 6 8.39 -19.80 4.21
N ASP B 7 9.49 -19.86 4.97
CA ASP B 7 9.59 -19.07 6.20
C ASP B 7 9.90 -17.60 5.92
N THR B 8 10.23 -17.25 4.67
CA THR B 8 10.46 -15.87 4.28
C THR B 8 9.22 -15.34 3.55
N TRP B 9 9.22 -14.03 3.30
CA TRP B 9 8.10 -13.38 2.65
C TRP B 9 8.59 -12.46 1.54
N VAL B 10 9.72 -12.78 0.92
CA VAL B 10 10.25 -12.03 -0.21
C VAL B 10 10.50 -12.99 -1.37
N LEU B 11 10.09 -12.60 -2.57
CA LEU B 11 10.33 -13.42 -3.76
C LEU B 11 10.55 -12.52 -4.97
N SER B 12 11.62 -12.79 -5.71
CA SER B 12 11.88 -12.05 -6.95
C SER B 12 11.06 -12.68 -8.07
N ARG B 13 10.21 -11.86 -8.71
CA ARG B 13 9.43 -12.34 -9.86
C ARG B 13 10.29 -12.81 -11.02
N THR B 14 11.56 -12.42 -11.05
CA THR B 14 12.42 -12.71 -12.18
C THR B 14 13.67 -13.48 -11.74
N ASP C 3 -8.46 6.19 19.77
CA ASP C 3 -7.02 6.12 19.88
C ASP C 3 -6.41 5.68 18.55
N LEU C 4 -6.71 4.45 18.11
CA LEU C 4 -6.15 3.96 16.85
C LEU C 4 -6.76 4.70 15.66
N GLU C 5 -8.04 5.06 15.76
CA GLU C 5 -8.68 5.79 14.66
C GLU C 5 -7.99 7.13 14.40
N MET C 6 -7.48 7.75 15.46
CA MET C 6 -6.77 9.02 15.30
C MET C 6 -5.47 8.86 14.52
N LEU C 7 -4.99 7.64 14.30
CA LEU C 7 -3.72 7.42 13.62
C LEU C 7 -3.87 6.87 12.20
N ALA C 8 -5.05 6.38 11.83
CA ALA C 8 -5.19 5.63 10.60
C ALA C 8 -5.19 6.53 9.37
N PRO C 9 -4.69 6.05 8.24
CA PRO C 9 -4.62 6.89 7.04
C PRO C 9 -6.02 7.13 6.45
N TYR C 10 -6.31 8.38 6.14
CA TYR C 10 -7.61 8.73 5.61
C TYR C 10 -7.85 8.12 4.23
N ILE C 11 -9.09 7.75 3.95
CA ILE C 11 -9.50 7.39 2.59
C ILE C 11 -10.86 8.00 2.31
N PRO C 12 -11.14 8.30 1.03
CA PRO C 12 -12.49 8.68 0.65
C PRO C 12 -13.48 7.58 1.02
N MET C 13 -14.66 8.00 1.50
N MET C 13 -14.66 7.99 1.51
CA MET C 13 -15.72 7.07 1.88
CA MET C 13 -15.70 7.05 1.87
C MET C 13 -16.74 6.88 0.76
C MET C 13 -16.74 6.88 0.76
N ASP C 14 -16.42 7.29 -0.46
CA ASP C 14 -17.35 7.22 -1.58
C ASP C 14 -16.57 6.93 -2.85
N ASP C 15 -17.30 6.67 -3.94
CA ASP C 15 -16.73 6.37 -5.25
C ASP C 15 -15.49 5.47 -5.13
N ASP C 16 -15.70 4.32 -4.50
CA ASP C 16 -14.74 3.24 -4.64
C ASP C 16 -14.70 2.74 -6.08
N PHE C 17 -13.52 2.31 -6.51
CA PHE C 17 -13.37 1.69 -7.82
C PHE C 17 -13.84 0.25 -7.69
N GLN C 18 -14.65 -0.21 -8.65
CA GLN C 18 -15.23 -1.54 -8.59
C GLN C 18 -14.53 -2.46 -9.58
N LEU C 19 -14.26 -3.68 -9.14
CA LEU C 19 -13.44 -4.61 -9.91
C LEU C 19 -14.28 -5.61 -10.69
MN MN D . -0.10 2.50 6.86
C1 OGA E . 0.42 4.62 4.98
C2 OGA E . 1.73 3.88 5.19
C4 OGA E . 3.66 2.88 4.11
C5 OGA E . 4.91 3.07 3.25
O1 OGA E . -0.62 4.25 5.61
O2 OGA E . 0.40 5.62 4.17
O2' OGA E . 1.87 3.05 6.27
O3 OGA E . 4.86 4.03 2.44
N1 OGA E . 2.78 4.01 4.33
O4 OGA E . 5.86 2.25 3.39
H4C1 OGA E . 3.97 2.58 4.99
H4C2 OGA E . 3.13 2.17 3.69
H1 OGA E . 2.97 4.76 3.86
C1 GOL F . 6.97 10.36 12.65
O1 GOL F . 8.35 10.40 12.62
C2 GOL F . 6.44 11.75 12.84
O2 GOL F . 7.40 12.58 13.30
C3 GOL F . 5.91 12.20 11.45
O3 GOL F . 7.03 12.29 10.57
H11 GOL F . 6.63 9.80 13.38
H12 GOL F . 6.59 9.98 11.84
HO1 GOL F . 8.58 11.12 12.98
H2 GOL F . 5.72 11.75 13.50
HO2 GOL F . 7.76 12.96 12.64
H31 GOL F . 5.44 13.03 11.57
H32 GOL F . 5.25 11.56 11.16
HO3 GOL F . 6.84 12.90 10.01
S SO4 G . 14.07 7.70 -17.59
O1 SO4 G . 12.71 7.19 -17.79
O2 SO4 G . 14.94 6.61 -17.11
O3 SO4 G . 14.05 8.78 -16.60
O4 SO4 G . 14.61 8.19 -18.87
#